data_5CB8
#
_entry.id   5CB8
#
_cell.length_a   140.756
_cell.length_b   140.756
_cell.length_c   140.756
_cell.angle_alpha   90.00
_cell.angle_beta   90.00
_cell.angle_gamma   90.00
#
_symmetry.space_group_name_H-M   'I 2 3'
#
loop_
_entity.id
_entity.type
_entity.pdbx_description
1 polymer 'Probable adenylyl-sulfate kinase'
2 non-polymer "ADENOSINE-5'-PHOSPHOSULFATE"
3 non-polymer 'SULFATE ION'
4 non-polymer 'ACETATE ION'
5 water water
#
_entity_poly.entity_id   1
_entity_poly.type   'polypeptide(L)'
_entity_poly.pdbx_seq_one_letter_code
;MGSSHHHHHHSSGLVPRGSHMQQRGVTIWLTGLSGAGKTTITHALEKKLRDSGYRLEVLDGDVVRTNLTKGLGFSKEDRD
TNIRRIGFVSHLLTRNGVIVLVSAISPYAAIRQEVKHTIGDFLEVFVNAPLAVCEERDVKGLYAKARSGEIKGFTGIDDP
YEPPTNPDVECRTDLEELDESVGKIWQKLVDLKYIEG
;
_entity_poly.pdbx_strand_id   A,B
#
# COMPACT_ATOMS: atom_id res chain seq x y z
N GLN A 23 18.18 2.17 9.20
CA GLN A 23 19.14 1.08 8.96
C GLN A 23 18.43 -0.25 8.81
N ARG A 24 17.64 -0.62 9.82
CA ARG A 24 16.80 -1.81 9.74
C ARG A 24 15.34 -1.38 9.64
N GLY A 25 14.54 -2.12 8.86
CA GLY A 25 13.14 -1.76 8.72
C GLY A 25 12.34 -1.96 10.00
N VAL A 26 11.40 -1.07 10.26
CA VAL A 26 10.56 -1.17 11.45
C VAL A 26 9.32 -0.32 11.28
N THR A 27 8.19 -0.83 11.76
CA THR A 27 6.97 -0.03 11.84
C THR A 27 6.82 0.53 13.25
N ILE A 28 6.78 1.85 13.35
CA ILE A 28 6.58 2.51 14.64
C ILE A 28 5.13 2.96 14.66
N TRP A 29 4.32 2.34 15.52
CA TRP A 29 2.86 2.44 15.43
C TRP A 29 2.27 3.24 16.59
N LEU A 30 1.85 4.48 16.29
CA LEU A 30 1.27 5.34 17.31
C LEU A 30 -0.26 5.18 17.35
N THR A 31 -0.76 4.73 18.51
CA THR A 31 -2.19 4.56 18.74
C THR A 31 -2.64 5.47 19.89
N GLY A 32 -3.89 5.92 19.87
CA GLY A 32 -4.38 6.79 20.93
C GLY A 32 -5.59 7.58 20.50
N LEU A 33 -6.24 8.24 21.46
CA LEU A 33 -7.47 9.00 21.19
C LEU A 33 -7.27 10.12 20.19
N SER A 34 -8.37 10.58 19.59
CA SER A 34 -8.32 11.80 18.76
C SER A 34 -7.90 12.96 19.65
N GLY A 35 -6.87 13.69 19.22
CA GLY A 35 -6.43 14.85 19.98
C GLY A 35 -5.33 14.54 20.98
N ALA A 36 -4.92 13.28 21.08
CA ALA A 36 -3.93 12.88 22.09
C ALA A 36 -2.51 13.34 21.76
N GLY A 37 -2.28 13.78 20.53
CA GLY A 37 -0.97 14.29 20.17
C GLY A 37 -0.16 13.38 19.25
N LYS A 38 -0.83 12.42 18.61
CA LYS A 38 -0.12 11.45 17.76
C LYS A 38 0.59 12.10 16.57
N THR A 39 -0.10 12.98 15.84
N THR A 39 -0.13 12.97 15.86
CA THR A 39 0.54 13.58 14.65
CA THR A 39 0.39 13.64 14.68
C THR A 39 1.65 14.55 15.01
C THR A 39 1.59 14.53 15.00
N THR A 40 1.50 15.26 16.12
CA THR A 40 2.57 16.14 16.58
C THR A 40 3.85 15.35 16.86
N ILE A 41 3.70 14.20 17.51
CA ILE A 41 4.85 13.35 17.82
C ILE A 41 5.42 12.75 16.53
N THR A 42 4.52 12.33 15.64
CA THR A 42 4.92 11.76 14.37
C THR A 42 5.80 12.72 13.58
N HIS A 43 5.36 13.97 13.47
CA HIS A 43 6.07 14.94 12.67
C HIS A 43 7.43 15.26 13.28
N ALA A 44 7.47 15.37 14.62
CA ALA A 44 8.71 15.69 15.29
C ALA A 44 9.69 14.54 15.16
N LEU A 45 9.18 13.32 15.30
CA LEU A 45 10.00 12.13 15.13
C LEU A 45 10.51 12.01 13.69
N GLU A 46 9.62 12.24 12.73
CA GLU A 46 9.98 12.21 11.31
C GLU A 46 11.15 13.14 11.02
N LYS A 47 11.05 14.37 11.51
CA LYS A 47 12.10 15.37 11.28
C LYS A 47 13.43 14.91 11.86
N LYS A 48 13.39 14.36 13.07
CA LYS A 48 14.59 13.93 13.76
C LYS A 48 15.26 12.77 13.00
N LEU A 49 14.45 11.85 12.51
CA LEU A 49 14.97 10.72 11.74
C LEU A 49 15.56 11.18 10.41
N ARG A 50 14.80 11.98 9.67
CA ARG A 50 15.26 12.47 8.37
C ARG A 50 16.54 13.28 8.51
N ASP A 51 16.62 14.11 9.54
CA ASP A 51 17.82 14.93 9.75
C ASP A 51 19.07 14.10 10.09
N SER A 52 18.86 12.83 10.45
CA SER A 52 19.98 11.93 10.72
C SER A 52 20.24 11.00 9.53
N GLY A 53 19.48 11.19 8.46
CA GLY A 53 19.73 10.49 7.21
C GLY A 53 18.92 9.23 7.00
N TYR A 54 17.97 8.97 7.88
CA TYR A 54 17.19 7.75 7.80
C TYR A 54 16.10 7.79 6.73
N ARG A 55 15.78 6.61 6.21
CA ARG A 55 14.89 6.42 5.07
C ARG A 55 13.51 6.06 5.63
N LEU A 56 12.52 6.94 5.47
CA LEU A 56 11.23 6.67 6.09
C LEU A 56 10.00 7.01 5.24
N GLU A 57 8.86 6.51 5.70
CA GLU A 57 7.56 6.82 5.13
C GLU A 57 6.58 7.04 6.28
N VAL A 58 5.69 8.02 6.14
CA VAL A 58 4.68 8.26 7.18
C VAL A 58 3.32 7.86 6.63
N LEU A 59 2.56 7.10 7.41
CA LEU A 59 1.18 6.76 7.06
C LEU A 59 0.31 7.27 8.18
N ASP A 60 -0.23 8.47 7.98
CA ASP A 60 -1.08 9.14 8.95
C ASP A 60 -2.52 8.83 8.59
N GLY A 61 -3.28 8.27 9.54
CA GLY A 61 -4.66 7.92 9.29
C GLY A 61 -5.50 9.03 8.67
N ASP A 62 -5.33 10.27 9.16
CA ASP A 62 -6.08 11.40 8.61
C ASP A 62 -5.77 11.62 7.14
N VAL A 63 -4.52 11.36 6.78
CA VAL A 63 -4.08 11.63 5.41
C VAL A 63 -4.37 10.45 4.49
N VAL A 64 -4.07 9.23 4.95
CA VAL A 64 -4.33 8.08 4.08
C VAL A 64 -5.82 7.87 3.84
N ARG A 65 -6.67 8.35 4.74
CA ARG A 65 -8.12 8.26 4.49
C ARG A 65 -8.59 9.16 3.34
N THR A 66 -7.68 9.97 2.80
CA THR A 66 -8.02 10.74 1.60
C THR A 66 -7.47 10.06 0.35
N ASN A 67 -6.73 8.98 0.51
CA ASN A 67 -6.19 8.24 -0.63
CA ASN A 67 -6.19 8.24 -0.63
C ASN A 67 -6.31 6.72 -0.48
N LEU A 68 -5.29 6.11 0.14
CA LEU A 68 -5.24 4.67 0.38
C LEU A 68 -6.54 4.10 0.95
N THR A 69 -7.13 4.81 1.90
CA THR A 69 -8.37 4.30 2.52
C THR A 69 -9.55 5.23 2.34
N LYS A 70 -9.52 5.99 1.24
CA LYS A 70 -10.66 6.82 0.87
C LYS A 70 -11.88 5.92 0.69
N GLY A 71 -13.03 6.37 1.19
CA GLY A 71 -14.26 5.60 1.00
C GLY A 71 -14.70 4.86 2.25
N LEU A 72 -13.79 4.67 3.19
CA LEU A 72 -14.12 3.98 4.44
C LEU A 72 -14.63 5.00 5.45
N GLY A 73 -15.59 4.58 6.28
CA GLY A 73 -16.05 5.40 7.39
C GLY A 73 -15.50 4.89 8.71
N PHE A 74 -16.33 4.94 9.75
CA PHE A 74 -15.87 4.64 11.11
C PHE A 74 -16.64 3.53 11.82
N SER A 75 -17.37 2.74 11.04
CA SER A 75 -17.95 1.50 11.60
C SER A 75 -16.82 0.58 12.02
N LYS A 76 -17.14 -0.40 12.84
CA LYS A 76 -16.17 -1.43 13.23
C LYS A 76 -15.52 -2.07 12.00
N GLU A 77 -16.32 -2.48 11.02
CA GLU A 77 -15.72 -3.16 9.89
CA GLU A 77 -15.79 -3.13 9.83
C GLU A 77 -14.83 -2.23 9.06
N ASP A 78 -15.21 -0.96 8.95
CA ASP A 78 -14.41 -0.01 8.18
C ASP A 78 -13.11 0.36 8.91
N ARG A 79 -13.15 0.47 10.23
CA ARG A 79 -11.91 0.73 10.96
C ARG A 79 -10.97 -0.47 10.88
N ASP A 80 -11.56 -1.68 10.88
CA ASP A 80 -10.73 -2.88 10.72
C ASP A 80 -10.08 -2.90 9.33
N THR A 81 -10.88 -2.61 8.30
CA THR A 81 -10.34 -2.57 6.94
C THR A 81 -9.25 -1.52 6.84
N ASN A 82 -9.52 -0.35 7.42
CA ASN A 82 -8.56 0.76 7.39
C ASN A 82 -7.22 0.36 8.00
N ILE A 83 -7.28 -0.16 9.23
CA ILE A 83 -6.05 -0.52 9.93
C ILE A 83 -5.32 -1.67 9.24
N ARG A 84 -6.07 -2.66 8.78
CA ARG A 84 -5.44 -3.79 8.07
C ARG A 84 -4.76 -3.35 6.77
N ARG A 85 -5.34 -2.38 6.08
CA ARG A 85 -4.75 -1.92 4.83
C ARG A 85 -3.50 -1.09 5.10
N ILE A 86 -3.53 -0.27 6.14
CA ILE A 86 -2.34 0.46 6.57
C ILE A 86 -1.25 -0.54 6.96
N GLY A 87 -1.64 -1.61 7.65
CA GLY A 87 -0.68 -2.64 8.04
C GLY A 87 -0.07 -3.36 6.83
N PHE A 88 -0.90 -3.57 5.82
CA PHE A 88 -0.43 -4.21 4.58
C PHE A 88 0.72 -3.41 3.99
N VAL A 89 0.51 -2.12 3.83
CA VAL A 89 1.52 -1.26 3.22
C VAL A 89 2.73 -1.14 4.13
N SER A 90 2.49 -1.02 5.43
CA SER A 90 3.58 -0.89 6.39
C SER A 90 4.46 -2.14 6.36
N HIS A 91 3.83 -3.29 6.19
CA HIS A 91 4.55 -4.56 6.13
C HIS A 91 5.49 -4.61 4.94
N LEU A 92 4.98 -4.29 3.75
CA LEU A 92 5.81 -4.33 2.55
C LEU A 92 7.00 -3.38 2.66
N LEU A 93 6.78 -2.20 3.24
CA LEU A 93 7.87 -1.23 3.36
C LEU A 93 8.88 -1.69 4.41
N THR A 94 8.37 -2.19 5.52
CA THR A 94 9.22 -2.60 6.65
C THR A 94 10.15 -3.73 6.25
N ARG A 95 9.61 -4.71 5.53
CA ARG A 95 10.41 -5.87 5.16
C ARG A 95 11.41 -5.52 4.04
N ASN A 96 11.31 -4.31 3.52
CA ASN A 96 12.32 -3.83 2.57
C ASN A 96 13.24 -2.75 3.15
N GLY A 97 13.32 -2.70 4.48
CA GLY A 97 14.32 -1.86 5.14
C GLY A 97 13.86 -0.47 5.49
N VAL A 98 12.60 -0.15 5.21
CA VAL A 98 12.08 1.19 5.46
C VAL A 98 11.54 1.34 6.89
N ILE A 99 11.77 2.51 7.48
CA ILE A 99 11.20 2.86 8.77
C ILE A 99 9.84 3.49 8.50
N VAL A 100 8.78 2.88 9.02
CA VAL A 100 7.44 3.35 8.73
C VAL A 100 6.83 3.96 9.98
N LEU A 101 6.38 5.20 9.89
CA LEU A 101 5.71 5.87 11.00
CA LEU A 101 5.71 5.85 11.01
C LEU A 101 4.21 5.84 10.76
N VAL A 102 3.47 5.11 11.61
CA VAL A 102 2.01 5.07 11.49
C VAL A 102 1.37 5.87 12.61
N SER A 103 0.41 6.73 12.25
CA SER A 103 -0.37 7.47 13.24
C SER A 103 -1.83 7.19 12.94
N ALA A 104 -2.48 6.42 13.80
CA ALA A 104 -3.88 6.03 13.58
C ALA A 104 -4.52 5.74 14.91
N ILE A 105 -5.78 6.12 15.09
CA ILE A 105 -6.44 5.84 16.36
C ILE A 105 -6.33 4.34 16.67
N SER A 106 -6.60 3.50 15.66
CA SER A 106 -6.47 2.04 15.80
C SER A 106 -6.96 1.55 17.17
N PRO A 107 -8.28 1.70 17.41
CA PRO A 107 -8.86 1.53 18.74
C PRO A 107 -9.04 0.07 19.16
N TYR A 108 -8.88 -0.87 18.23
CA TYR A 108 -9.05 -2.29 18.59
C TYR A 108 -7.74 -3.00 18.83
N ALA A 109 -7.52 -3.44 20.07
CA ALA A 109 -6.29 -4.09 20.46
C ALA A 109 -5.99 -5.34 19.62
N ALA A 110 -7.02 -6.16 19.36
CA ALA A 110 -6.79 -7.41 18.61
C ALA A 110 -6.28 -7.13 17.21
N ILE A 111 -6.73 -6.03 16.61
CA ILE A 111 -6.29 -5.66 15.27
C ILE A 111 -4.85 -5.13 15.31
N ARG A 112 -4.52 -4.32 16.31
CA ARG A 112 -3.13 -3.87 16.44
C ARG A 112 -2.21 -5.08 16.61
N GLN A 113 -2.66 -6.05 17.39
CA GLN A 113 -1.87 -7.25 17.64
C GLN A 113 -1.69 -8.09 16.37
N GLU A 114 -2.72 -8.12 15.55
CA GLU A 114 -2.70 -8.85 14.30
C GLU A 114 -1.65 -8.24 13.37
N VAL A 115 -1.61 -6.91 13.32
CA VAL A 115 -0.64 -6.23 12.46
C VAL A 115 0.77 -6.39 13.03
N LYS A 116 0.89 -6.28 14.35
CA LYS A 116 2.20 -6.46 14.99
C LYS A 116 2.78 -7.82 14.63
N HIS A 117 1.95 -8.83 14.68
CA HIS A 117 2.35 -10.21 14.39
CA HIS A 117 2.42 -10.17 14.41
C HIS A 117 2.78 -10.39 12.94
N THR A 118 2.03 -9.77 12.04
CA THR A 118 2.35 -9.88 10.62
C THR A 118 3.68 -9.21 10.31
N ILE A 119 3.89 -8.03 10.89
CA ILE A 119 5.06 -7.22 10.59
C ILE A 119 6.32 -7.64 11.37
N GLY A 120 6.14 -8.03 12.63
CA GLY A 120 7.25 -8.53 13.44
C GLY A 120 8.11 -7.40 13.98
N ASP A 121 8.82 -6.72 13.09
CA ASP A 121 9.59 -5.54 13.49
C ASP A 121 8.64 -4.36 13.63
N PHE A 122 8.09 -4.21 14.83
CA PHE A 122 6.93 -3.37 15.06
C PHE A 122 7.04 -2.86 16.50
N LEU A 123 6.92 -1.54 16.66
CA LEU A 123 6.92 -0.94 18.00
C LEU A 123 5.58 -0.28 18.21
N GLU A 124 4.85 -0.73 19.24
CA GLU A 124 3.56 -0.13 19.56
C GLU A 124 3.81 1.05 20.51
N VAL A 125 3.41 2.25 20.09
CA VAL A 125 3.58 3.43 20.92
C VAL A 125 2.21 3.92 21.39
N PHE A 126 1.97 3.86 22.70
CA PHE A 126 0.69 4.31 23.26
C PHE A 126 0.79 5.82 23.54
N VAL A 127 0.17 6.61 22.68
CA VAL A 127 0.07 8.05 22.91
C VAL A 127 -1.14 8.26 23.80
N ASN A 128 -0.87 8.44 25.10
CA ASN A 128 -1.90 8.37 26.13
C ASN A 128 -2.21 9.73 26.73
N ALA A 129 -3.29 10.35 26.28
CA ALA A 129 -3.79 11.56 26.93
C ALA A 129 -5.19 11.27 27.48
N PRO A 130 -5.54 11.88 28.62
CA PRO A 130 -6.86 11.61 29.21
C PRO A 130 -7.95 12.08 28.28
N LEU A 131 -9.07 11.36 28.23
CA LEU A 131 -10.21 11.77 27.41
C LEU A 131 -10.59 13.23 27.71
N ALA A 132 -10.59 13.60 28.99
CA ALA A 132 -11.06 14.93 29.36
C ALA A 132 -10.16 16.03 28.79
N VAL A 133 -8.86 15.74 28.72
CA VAL A 133 -7.91 16.71 28.19
C VAL A 133 -8.13 16.90 26.69
N CYS A 134 -8.30 15.79 25.96
CA CYS A 134 -8.56 15.84 24.53
C CYS A 134 -9.88 16.56 24.22
N GLU A 135 -10.87 16.34 25.07
CA GLU A 135 -12.19 16.90 24.83
C GLU A 135 -12.21 18.40 25.13
N GLU A 136 -11.42 18.82 26.11
CA GLU A 136 -11.40 20.24 26.45
C GLU A 136 -10.68 21.07 25.38
N ARG A 137 -9.64 20.51 24.77
CA ARG A 137 -8.97 21.19 23.65
C ARG A 137 -9.82 21.15 22.38
N ASP A 138 -10.45 19.99 22.15
CA ASP A 138 -11.31 19.74 20.98
C ASP A 138 -10.75 20.38 19.71
N VAL A 139 -9.55 19.96 19.35
CA VAL A 139 -8.77 20.59 18.28
C VAL A 139 -9.54 20.78 16.97
N LYS A 140 -10.29 19.74 16.57
CA LYS A 140 -11.03 19.78 15.31
C LYS A 140 -12.52 19.92 15.50
N GLY A 141 -12.93 20.13 16.75
CA GLY A 141 -14.35 20.31 17.08
C GLY A 141 -15.15 19.02 17.08
N LEU A 142 -14.48 17.88 17.01
CA LEU A 142 -15.18 16.61 16.86
C LEU A 142 -15.84 16.11 18.16
N TYR A 143 -15.24 16.42 19.31
CA TYR A 143 -15.84 15.99 20.57
C TYR A 143 -17.19 16.65 20.79
N ALA A 144 -17.29 17.94 20.47
CA ALA A 144 -18.54 18.65 20.67
C ALA A 144 -19.60 18.05 19.73
N LYS A 145 -19.17 17.69 18.52
CA LYS A 145 -20.09 17.07 17.57
C LYS A 145 -20.53 15.67 18.02
N ALA A 146 -19.63 14.95 18.70
CA ALA A 146 -19.97 13.63 19.23
C ALA A 146 -20.98 13.78 20.36
N ARG A 147 -20.75 14.75 21.23
CA ARG A 147 -21.65 14.95 22.38
C ARG A 147 -23.05 15.36 21.95
N SER A 148 -23.17 16.11 20.86
CA SER A 148 -24.47 16.59 20.44
C SER A 148 -25.19 15.55 19.60
N GLY A 149 -24.45 14.52 19.19
CA GLY A 149 -24.99 13.48 18.32
C GLY A 149 -24.89 13.84 16.85
N GLU A 150 -24.23 14.96 16.55
CA GLU A 150 -24.05 15.34 15.15
C GLU A 150 -23.25 14.26 14.44
N ILE A 151 -22.21 13.77 15.11
CA ILE A 151 -21.51 12.60 14.58
C ILE A 151 -21.71 11.40 15.50
N LYS A 152 -21.84 10.22 14.91
CA LYS A 152 -22.12 9.01 15.67
C LYS A 152 -20.87 8.15 15.73
N GLY A 153 -20.73 7.38 16.79
CA GLY A 153 -19.65 6.39 16.85
C GLY A 153 -18.27 7.01 16.89
N PHE A 154 -18.12 8.05 17.72
CA PHE A 154 -16.84 8.71 17.89
C PHE A 154 -16.05 8.08 19.01
N THR A 155 -14.80 7.71 18.69
CA THR A 155 -13.91 7.04 19.61
C THR A 155 -13.83 7.72 20.96
N GLY A 156 -14.08 6.94 22.02
CA GLY A 156 -13.95 7.46 23.37
C GLY A 156 -15.23 8.05 23.94
N ILE A 157 -16.18 8.37 23.07
CA ILE A 157 -17.47 8.92 23.50
C ILE A 157 -18.58 7.89 23.32
N ASP A 158 -18.78 7.42 22.10
CA ASP A 158 -19.72 6.31 21.89
C ASP A 158 -19.17 5.26 20.93
N ASP A 159 -17.88 4.97 21.05
CA ASP A 159 -17.22 3.94 20.25
C ASP A 159 -15.98 3.58 21.05
N PRO A 160 -15.53 2.33 20.95
CA PRO A 160 -14.46 1.87 21.85
C PRO A 160 -13.10 2.51 21.62
N TYR A 161 -12.33 2.65 22.70
CA TYR A 161 -10.88 2.74 22.55
C TYR A 161 -10.30 1.74 23.53
N GLU A 162 -9.57 0.78 23.02
CA GLU A 162 -8.97 -0.25 23.85
C GLU A 162 -7.47 0.03 24.04
N PRO A 163 -7.09 0.53 25.23
CA PRO A 163 -5.71 0.98 25.39
C PRO A 163 -4.71 -0.18 25.41
N PRO A 164 -3.53 0.03 24.81
CA PRO A 164 -2.47 -0.97 24.88
C PRO A 164 -2.19 -1.39 26.33
N THR A 165 -2.03 -2.68 26.57
CA THR A 165 -1.72 -3.17 27.92
C THR A 165 -0.22 -3.38 28.09
N ASN A 166 0.48 -3.53 26.98
CA ASN A 166 1.93 -3.74 27.00
C ASN A 166 2.61 -3.03 25.84
N PRO A 167 2.44 -1.71 25.71
CA PRO A 167 3.05 -1.05 24.56
C PRO A 167 4.56 -1.05 24.72
N ASP A 168 5.30 -0.84 23.63
CA ASP A 168 6.76 -0.78 23.73
C ASP A 168 7.21 0.55 24.29
N VAL A 169 6.48 1.60 23.98
CA VAL A 169 6.74 2.93 24.51
C VAL A 169 5.39 3.54 24.85
N GLU A 170 5.32 4.30 25.94
CA GLU A 170 4.10 5.04 26.28
C GLU A 170 4.43 6.51 26.44
N CYS A 171 3.63 7.37 25.84
CA CYS A 171 3.84 8.81 25.91
C CYS A 171 2.63 9.43 26.56
N ARG A 172 2.79 9.88 27.80
CA ARG A 172 1.69 10.55 28.49
C ARG A 172 1.78 12.04 28.17
N THR A 173 1.11 12.44 27.09
CA THR A 173 1.34 13.75 26.49
C THR A 173 0.86 14.92 27.32
N ASP A 174 -0.01 14.66 28.30
CA ASP A 174 -0.44 15.71 29.21
CA ASP A 174 -0.45 15.71 29.22
C ASP A 174 0.59 15.95 30.31
N LEU A 175 1.56 15.05 30.41
CA LEU A 175 2.55 15.10 31.50
C LEU A 175 4.01 15.11 31.01
N GLU A 176 4.19 15.05 29.70
CA GLU A 176 5.53 15.03 29.09
C GLU A 176 5.71 16.16 28.11
N GLU A 177 6.92 16.69 28.05
CA GLU A 177 7.29 17.60 26.98
C GLU A 177 7.41 16.80 25.69
N LEU A 178 7.15 17.45 24.55
CA LEU A 178 7.25 16.79 23.25
C LEU A 178 8.61 16.11 23.07
N ASP A 179 9.68 16.84 23.40
CA ASP A 179 11.04 16.31 23.30
C ASP A 179 11.21 15.02 24.10
N GLU A 180 10.52 14.94 25.23
CA GLU A 180 10.62 13.75 26.08
C GLU A 180 9.92 12.57 25.43
N SER A 181 8.74 12.81 24.86
CA SER A 181 8.01 11.75 24.17
C SER A 181 8.81 11.23 22.98
N VAL A 182 9.29 12.14 22.13
CA VAL A 182 10.12 11.77 20.99
C VAL A 182 11.37 11.03 21.46
N GLY A 183 12.00 11.55 22.52
CA GLY A 183 13.21 10.95 23.06
C GLY A 183 13.02 9.49 23.46
N LYS A 184 11.88 9.17 24.06
CA LYS A 184 11.63 7.79 24.50
C LYS A 184 11.49 6.84 23.31
N ILE A 185 10.85 7.29 22.23
CA ILE A 185 10.71 6.46 21.03
C ILE A 185 12.09 6.26 20.41
N TRP A 186 12.85 7.34 20.30
CA TRP A 186 14.20 7.29 19.74
C TRP A 186 15.08 6.32 20.54
N GLN A 187 15.05 6.42 21.87
CA GLN A 187 15.91 5.57 22.69
C GLN A 187 15.51 4.10 22.54
N LYS A 188 14.21 3.85 22.39
CA LYS A 188 13.74 2.49 22.17
C LYS A 188 14.28 1.95 20.83
N LEU A 189 14.22 2.77 19.80
CA LEU A 189 14.81 2.41 18.51
C LEU A 189 16.30 2.13 18.62
N VAL A 190 16.98 2.92 19.43
CA VAL A 190 18.41 2.70 19.65
C VAL A 190 18.65 1.39 20.40
N ASP A 191 17.91 1.20 21.49
CA ASP A 191 18.08 0.01 22.32
C ASP A 191 17.87 -1.27 21.53
N LEU A 192 16.88 -1.26 20.64
CA LEU A 192 16.53 -2.43 19.86
C LEU A 192 17.31 -2.50 18.56
N LYS A 193 18.27 -1.59 18.41
CA LYS A 193 19.20 -1.59 17.28
C LYS A 193 18.57 -1.36 15.91
N TYR A 194 17.47 -0.63 15.84
CA TYR A 194 16.90 -0.25 14.55
C TYR A 194 17.62 0.95 13.97
N ILE A 195 18.16 1.79 14.84
CA ILE A 195 18.94 2.96 14.40
C ILE A 195 20.20 3.08 15.25
N GLU A 196 21.12 3.95 14.80
CA GLU A 196 22.40 4.15 15.50
C GLU A 196 22.26 5.11 16.68
N GLN B 22 23.81 -4.43 -7.98
CA GLN B 22 23.38 -3.05 -7.79
C GLN B 22 21.92 -2.88 -8.19
N GLN B 23 21.17 -2.15 -7.38
CA GLN B 23 19.72 -2.12 -7.54
C GLN B 23 19.13 -0.73 -7.33
N ARG B 24 18.38 -0.25 -8.31
CA ARG B 24 17.63 1.00 -8.16
C ARG B 24 16.14 0.68 -8.24
N GLY B 25 15.32 1.46 -7.54
CA GLY B 25 13.90 1.20 -7.52
C GLY B 25 13.23 1.44 -8.86
N VAL B 26 12.26 0.60 -9.20
CA VAL B 26 11.55 0.71 -10.46
C VAL B 26 10.25 -0.08 -10.41
N THR B 27 9.18 0.48 -10.97
CA THR B 27 7.95 -0.28 -11.13
C THR B 27 7.88 -0.82 -12.55
N ILE B 28 7.80 -2.15 -12.67
CA ILE B 28 7.66 -2.80 -13.95
C ILE B 28 6.19 -3.16 -14.10
N TRP B 29 5.50 -2.50 -15.04
CA TRP B 29 4.03 -2.52 -15.08
C TRP B 29 3.50 -3.29 -16.28
N LEU B 30 2.99 -4.50 -16.03
CA LEU B 30 2.46 -5.33 -17.10
C LEU B 30 0.96 -5.09 -17.29
N THR B 31 0.59 -4.63 -18.48
CA THR B 31 -0.80 -4.37 -18.82
C THR B 31 -1.19 -5.25 -20.02
N GLY B 32 -2.46 -5.64 -20.10
CA GLY B 32 -2.90 -6.47 -21.21
C GLY B 32 -4.19 -7.19 -20.90
N LEU B 33 -4.77 -7.86 -21.90
CA LEU B 33 -6.06 -8.54 -21.74
C LEU B 33 -6.00 -9.66 -20.71
N SER B 34 -7.18 -10.04 -20.19
CA SER B 34 -7.27 -11.25 -19.37
C SER B 34 -6.83 -12.43 -20.22
N GLY B 35 -5.89 -13.22 -19.72
CA GLY B 35 -5.43 -14.40 -20.44
C GLY B 35 -4.23 -14.16 -21.34
N ALA B 36 -3.76 -12.92 -21.44
CA ALA B 36 -2.65 -12.60 -22.34
C ALA B 36 -1.30 -13.12 -21.87
N GLY B 37 -1.23 -13.59 -20.62
CA GLY B 37 0.01 -14.18 -20.12
C GLY B 37 0.79 -13.29 -19.16
N LYS B 38 0.13 -12.28 -18.59
CA LYS B 38 0.82 -11.35 -17.68
C LYS B 38 1.37 -12.04 -16.43
N THR B 39 0.57 -12.87 -15.79
CA THR B 39 1.03 -13.52 -14.56
CA THR B 39 0.98 -13.56 -14.57
C THR B 39 2.16 -14.51 -14.82
N THR B 40 2.10 -15.23 -15.93
CA THR B 40 3.15 -16.18 -16.28
C THR B 40 4.50 -15.47 -16.45
N ILE B 41 4.49 -14.33 -17.12
CA ILE B 41 5.71 -13.54 -17.32
C ILE B 41 6.17 -12.96 -15.99
N THR B 42 5.22 -12.44 -15.22
CA THR B 42 5.52 -11.90 -13.90
C THR B 42 6.25 -12.92 -13.04
N HIS B 43 5.74 -14.13 -12.98
CA HIS B 43 6.32 -15.16 -12.12
C HIS B 43 7.71 -15.56 -12.60
N ALA B 44 7.87 -15.68 -13.91
CA ALA B 44 9.17 -16.06 -14.47
C ALA B 44 10.19 -14.96 -14.24
N LEU B 45 9.75 -13.72 -14.42
CA LEU B 45 10.62 -12.57 -14.19
C LEU B 45 10.99 -12.44 -12.71
N GLU B 46 10.02 -12.66 -11.84
CA GLU B 46 10.24 -12.63 -10.40
C GLU B 46 11.33 -13.64 -10.03
N LYS B 47 11.20 -14.88 -10.52
CA LYS B 47 12.19 -15.91 -10.23
C LYS B 47 13.58 -15.50 -10.71
N LYS B 48 13.65 -14.95 -11.91
CA LYS B 48 14.94 -14.58 -12.51
C LYS B 48 15.62 -13.49 -11.68
N LEU B 49 14.81 -12.51 -11.24
CA LEU B 49 15.31 -11.41 -10.42
C LEU B 49 15.74 -11.91 -9.03
N ARG B 50 14.90 -12.72 -8.40
CA ARG B 50 15.21 -13.24 -7.06
C ARG B 50 16.46 -14.11 -7.07
N ASP B 51 16.64 -14.88 -8.15
CA ASP B 51 17.81 -15.75 -8.25
C ASP B 51 19.11 -14.98 -8.49
N SER B 52 18.98 -13.68 -8.77
CA SER B 52 20.16 -12.83 -8.94
C SER B 52 20.41 -11.95 -7.73
N GLY B 53 19.54 -12.06 -6.73
CA GLY B 53 19.74 -11.38 -5.47
C GLY B 53 18.98 -10.08 -5.33
N TYR B 54 18.11 -9.80 -6.29
CA TYR B 54 17.35 -8.56 -6.27
C TYR B 54 16.18 -8.61 -5.30
N ARG B 55 15.86 -7.42 -4.77
CA ARG B 55 14.87 -7.18 -3.72
C ARG B 55 13.59 -6.73 -4.41
N LEU B 56 12.53 -7.54 -4.37
CA LEU B 56 11.33 -7.18 -5.11
C LEU B 56 10.01 -7.43 -4.37
N GLU B 57 8.95 -6.83 -4.90
CA GLU B 57 7.58 -7.10 -4.45
C GLU B 57 6.71 -7.28 -5.67
N VAL B 58 5.76 -8.21 -5.60
CA VAL B 58 4.84 -8.41 -6.72
C VAL B 58 3.46 -7.93 -6.30
N LEU B 59 2.84 -7.10 -7.15
CA LEU B 59 1.46 -6.70 -6.92
C LEU B 59 0.63 -7.18 -8.12
N ASP B 60 0.01 -8.34 -7.95
CA ASP B 60 -0.79 -8.98 -8.99
C ASP B 60 -2.25 -8.61 -8.74
N GLY B 61 -2.90 -8.00 -9.74
CA GLY B 61 -4.29 -7.59 -9.61
C GLY B 61 -5.23 -8.65 -9.05
N ASP B 62 -5.09 -9.89 -9.53
CA ASP B 62 -5.95 -10.99 -9.06
C ASP B 62 -5.75 -11.21 -7.57
N VAL B 63 -4.52 -11.03 -7.11
CA VAL B 63 -4.20 -11.31 -5.70
C VAL B 63 -4.51 -10.09 -4.82
N VAL B 64 -4.11 -8.90 -5.24
CA VAL B 64 -4.37 -7.73 -4.40
C VAL B 64 -5.87 -7.43 -4.27
N ARG B 65 -6.66 -7.87 -5.25
CA ARG B 65 -8.12 -7.72 -5.15
C ARG B 65 -8.72 -8.59 -4.04
N THR B 66 -7.91 -9.43 -3.42
CA THR B 66 -8.37 -10.19 -2.26
C THR B 66 -7.90 -9.54 -0.96
N ASN B 67 -7.09 -8.50 -1.05
CA ASN B 67 -6.62 -7.79 0.14
C ASN B 67 -6.65 -6.26 -0.01
N LEU B 68 -5.56 -5.70 -0.51
CA LEU B 68 -5.42 -4.25 -0.76
C LEU B 68 -6.64 -3.62 -1.43
N THR B 69 -7.18 -4.30 -2.44
CA THR B 69 -8.31 -3.73 -3.17
C THR B 69 -9.55 -4.60 -3.11
N LYS B 70 -9.67 -5.36 -2.02
CA LYS B 70 -10.87 -6.14 -1.77
C LYS B 70 -12.05 -5.19 -1.69
N GLY B 71 -13.20 -5.58 -2.23
CA GLY B 71 -14.37 -4.73 -2.17
C GLY B 71 -14.65 -3.97 -3.47
N LEU B 72 -13.65 -3.87 -4.33
CA LEU B 72 -13.83 -3.17 -5.60
C LEU B 72 -14.33 -4.13 -6.68
N GLY B 73 -15.16 -3.62 -7.58
CA GLY B 73 -15.62 -4.41 -8.71
C GLY B 73 -14.93 -3.95 -9.98
N PHE B 74 -15.68 -3.93 -11.08
CA PHE B 74 -15.07 -3.66 -12.38
C PHE B 74 -15.74 -2.53 -13.15
N SER B 75 -16.52 -1.71 -12.45
CA SER B 75 -16.97 -0.46 -13.05
C SER B 75 -15.74 0.40 -13.35
N LYS B 76 -15.92 1.40 -14.20
CA LYS B 76 -14.88 2.37 -14.52
C LYS B 76 -14.30 2.97 -13.22
N GLU B 77 -15.18 3.42 -12.34
CA GLU B 77 -14.74 4.01 -11.07
C GLU B 77 -13.87 3.07 -10.25
N ASP B 78 -14.31 1.82 -10.17
CA ASP B 78 -13.60 0.84 -9.33
C ASP B 78 -12.28 0.41 -9.96
N ARG B 79 -12.21 0.30 -11.29
CA ARG B 79 -10.93 -0.02 -11.93
C ARG B 79 -9.95 1.14 -11.75
N ASP B 80 -10.46 2.36 -11.79
CA ASP B 80 -9.59 3.52 -11.55
C ASP B 80 -9.08 3.51 -10.12
N THR B 81 -9.97 3.27 -9.17
CA THR B 81 -9.57 3.20 -7.77
C THR B 81 -8.53 2.11 -7.59
N ASN B 82 -8.80 0.95 -8.20
CA ASN B 82 -7.92 -0.20 -8.06
C ASN B 82 -6.50 0.12 -8.55
N ILE B 83 -6.40 0.62 -9.77
CA ILE B 83 -5.10 0.92 -10.36
C ILE B 83 -4.38 2.04 -9.60
N ARG B 84 -5.12 3.08 -9.22
CA ARG B 84 -4.51 4.17 -8.45
C ARG B 84 -3.97 3.69 -7.11
N ARG B 85 -4.66 2.74 -6.48
CA ARG B 85 -4.22 2.25 -5.18
C ARG B 85 -2.97 1.37 -5.32
N ILE B 86 -2.96 0.53 -6.34
CA ILE B 86 -1.77 -0.25 -6.68
C ILE B 86 -0.60 0.69 -6.97
N GLY B 87 -0.88 1.77 -7.70
CA GLY B 87 0.15 2.76 -8.01
C GLY B 87 0.70 3.45 -6.76
N PHE B 88 -0.19 3.73 -5.80
CA PHE B 88 0.21 4.33 -4.53
C PHE B 88 1.26 3.48 -3.84
N VAL B 89 0.96 2.19 -3.68
CA VAL B 89 1.86 1.29 -3.00
C VAL B 89 3.13 1.09 -3.81
N SER B 90 2.98 0.98 -5.13
CA SER B 90 4.14 0.81 -6.02
C SER B 90 5.10 1.99 -5.90
N HIS B 91 4.52 3.18 -5.82
CA HIS B 91 5.31 4.41 -5.68
C HIS B 91 6.12 4.42 -4.39
N LEU B 92 5.49 4.10 -3.26
CA LEU B 92 6.22 4.10 -1.99
C LEU B 92 7.37 3.09 -2.00
N LEU B 93 7.14 1.92 -2.58
CA LEU B 93 8.18 0.90 -2.64
C LEU B 93 9.31 1.32 -3.59
N THR B 94 8.93 1.82 -4.75
CA THR B 94 9.91 2.22 -5.77
C THR B 94 10.85 3.31 -5.29
N ARG B 95 10.29 4.32 -4.62
CA ARG B 95 11.12 5.43 -4.18
C ARG B 95 12.01 5.04 -3.01
N ASN B 96 11.82 3.83 -2.47
CA ASN B 96 12.72 3.31 -1.44
C ASN B 96 13.60 2.16 -1.95
N GLY B 97 13.80 2.10 -3.26
CA GLY B 97 14.78 1.19 -3.84
C GLY B 97 14.27 -0.18 -4.26
N VAL B 98 12.99 -0.45 -4.04
CA VAL B 98 12.42 -1.76 -4.35
C VAL B 98 12.03 -1.88 -5.83
N ILE B 99 12.25 -3.07 -6.40
CA ILE B 99 11.76 -3.37 -7.74
C ILE B 99 10.35 -3.92 -7.59
N VAL B 100 9.37 -3.25 -8.19
CA VAL B 100 7.97 -3.63 -8.04
C VAL B 100 7.44 -4.21 -9.34
N LEU B 101 6.93 -5.43 -9.29
CA LEU B 101 6.32 -6.06 -10.47
C LEU B 101 4.82 -5.96 -10.34
N VAL B 102 4.18 -5.19 -11.23
CA VAL B 102 2.72 -5.08 -11.21
C VAL B 102 2.14 -5.86 -12.38
N SER B 103 1.10 -6.63 -12.12
CA SER B 103 0.38 -7.33 -13.18
C SER B 103 -1.09 -7.00 -13.01
N ALA B 104 -1.63 -6.18 -13.92
CA ALA B 104 -3.02 -5.76 -13.82
C ALA B 104 -3.52 -5.41 -15.20
N ILE B 105 -4.77 -5.74 -15.48
CA ILE B 105 -5.33 -5.43 -16.80
C ILE B 105 -5.10 -3.96 -17.10
N SER B 106 -5.39 -3.09 -16.11
CA SER B 106 -5.19 -1.64 -16.26
C SER B 106 -5.55 -1.13 -17.65
N PRO B 107 -6.84 -1.21 -18.00
CA PRO B 107 -7.29 -1.02 -19.39
C PRO B 107 -7.35 0.44 -19.82
N TYR B 108 -7.24 1.38 -18.88
CA TYR B 108 -7.28 2.80 -19.26
C TYR B 108 -5.91 3.46 -19.38
N ALA B 109 -5.57 3.89 -20.59
CA ALA B 109 -4.26 4.51 -20.86
C ALA B 109 -3.98 5.74 -20.00
N ALA B 110 -4.97 6.62 -19.84
CA ALA B 110 -4.77 7.85 -19.08
C ALA B 110 -4.40 7.56 -17.62
N ILE B 111 -4.98 6.49 -17.08
CA ILE B 111 -4.66 6.08 -15.71
C ILE B 111 -3.26 5.46 -15.61
N ARG B 112 -2.89 4.62 -16.58
CA ARG B 112 -1.51 4.09 -16.60
C ARG B 112 -0.50 5.23 -16.68
N GLN B 113 -0.85 6.26 -17.47
CA GLN B 113 0.04 7.41 -17.65
C GLN B 113 0.15 8.23 -16.37
N GLU B 114 -0.96 8.33 -15.65
CA GLU B 114 -1.00 9.06 -14.40
C GLU B 114 -0.05 8.39 -13.40
N VAL B 115 -0.10 7.07 -13.34
CA VAL B 115 0.75 6.32 -12.41
C VAL B 115 2.22 6.42 -12.84
N LYS B 116 2.46 6.28 -14.14
CA LYS B 116 3.80 6.41 -14.67
C LYS B 116 4.42 7.75 -14.28
N HIS B 117 3.64 8.81 -14.43
CA HIS B 117 4.10 10.15 -14.11
C HIS B 117 4.40 10.31 -12.62
N THR B 118 3.55 9.73 -11.78
CA THR B 118 3.75 9.79 -10.33
C THR B 118 5.03 9.09 -9.89
N ILE B 119 5.25 7.90 -10.46
CA ILE B 119 6.35 7.03 -10.04
C ILE B 119 7.69 7.40 -10.71
N GLY B 120 7.64 7.78 -11.98
CA GLY B 120 8.84 8.22 -12.69
C GLY B 120 9.68 7.04 -13.15
N ASP B 121 10.27 6.32 -12.20
CA ASP B 121 11.00 5.10 -12.54
C ASP B 121 9.99 3.97 -12.78
N PHE B 122 9.53 3.89 -14.01
CA PHE B 122 8.37 3.12 -14.36
C PHE B 122 8.57 2.59 -15.77
N LEU B 123 8.35 1.29 -15.95
CA LEU B 123 8.47 0.66 -17.26
C LEU B 123 7.14 0.05 -17.62
N GLU B 124 6.53 0.53 -18.70
CA GLU B 124 5.25 -0.01 -19.17
C GLU B 124 5.50 -1.20 -20.09
N VAL B 125 5.01 -2.36 -19.70
CA VAL B 125 5.20 -3.56 -20.51
C VAL B 125 3.83 -3.97 -21.08
N PHE B 126 3.69 -3.88 -22.40
CA PHE B 126 2.44 -4.28 -23.06
C PHE B 126 2.49 -5.79 -23.33
N VAL B 127 1.76 -6.56 -22.52
CA VAL B 127 1.60 -7.97 -22.78
C VAL B 127 0.46 -8.12 -23.77
N ASN B 128 0.85 -8.30 -25.03
CA ASN B 128 -0.08 -8.19 -26.15
C ASN B 128 -0.40 -9.54 -26.78
N ALA B 129 -1.58 -10.07 -26.45
CA ALA B 129 -2.09 -11.28 -27.12
C ALA B 129 -3.40 -10.91 -27.82
N PRO B 130 -3.67 -11.52 -28.99
CA PRO B 130 -4.92 -11.19 -29.69
C PRO B 130 -6.12 -11.60 -28.84
N LEU B 131 -7.22 -10.85 -28.93
CA LEU B 131 -8.42 -11.20 -28.19
C LEU B 131 -8.87 -12.61 -28.51
N ALA B 132 -8.79 -13.00 -29.78
CA ALA B 132 -9.28 -14.31 -30.20
C ALA B 132 -8.47 -15.44 -29.54
N VAL B 133 -7.18 -15.21 -29.37
CA VAL B 133 -6.32 -16.22 -28.76
C VAL B 133 -6.68 -16.40 -27.29
N CYS B 134 -6.84 -15.28 -26.58
CA CYS B 134 -7.24 -15.34 -25.17
C CYS B 134 -8.62 -15.98 -25.01
N GLU B 135 -9.53 -15.66 -25.92
CA GLU B 135 -10.89 -16.19 -25.83
C GLU B 135 -10.94 -17.70 -26.10
N GLU B 136 -10.10 -18.19 -27.03
CA GLU B 136 -10.08 -19.63 -27.33
C GLU B 136 -9.57 -20.46 -26.17
N ARG B 137 -8.53 -19.96 -25.48
CA ARG B 137 -7.99 -20.65 -24.30
C ARG B 137 -8.93 -20.55 -23.11
N ASP B 138 -9.52 -19.36 -22.96
CA ASP B 138 -10.47 -19.06 -21.87
C ASP B 138 -10.06 -19.71 -20.55
N VAL B 139 -8.86 -19.38 -20.10
CA VAL B 139 -8.22 -20.03 -18.96
C VAL B 139 -9.12 -20.17 -17.71
N LYS B 140 -9.85 -19.11 -17.38
CA LYS B 140 -10.70 -19.13 -16.19
C LYS B 140 -12.18 -19.16 -16.54
N GLY B 141 -12.49 -19.35 -17.81
CA GLY B 141 -13.87 -19.47 -18.26
C GLY B 141 -14.60 -18.14 -18.34
N LEU B 142 -13.87 -17.05 -18.21
CA LEU B 142 -14.48 -15.73 -18.12
C LEU B 142 -15.01 -15.20 -19.45
N TYR B 143 -14.35 -15.53 -20.56
CA TYR B 143 -14.83 -15.08 -21.86
C TYR B 143 -16.20 -15.67 -22.19
N ALA B 144 -16.39 -16.95 -21.89
CA ALA B 144 -17.66 -17.57 -22.20
C ALA B 144 -18.76 -16.92 -21.35
N LYS B 145 -18.43 -16.57 -20.11
CA LYS B 145 -19.42 -15.92 -19.25
C LYS B 145 -19.73 -14.50 -19.71
N ALA B 146 -18.74 -13.83 -20.29
CA ALA B 146 -18.92 -12.50 -20.85
C ALA B 146 -19.84 -12.58 -22.08
N ARG B 147 -19.61 -13.58 -22.93
CA ARG B 147 -20.40 -13.74 -24.15
C ARG B 147 -21.86 -14.07 -23.87
N SER B 148 -22.12 -14.80 -22.79
CA SER B 148 -23.49 -15.22 -22.48
C SER B 148 -24.22 -14.13 -21.71
N GLY B 149 -23.46 -13.16 -21.21
CA GLY B 149 -24.04 -12.11 -20.38
C GLY B 149 -24.05 -12.47 -18.91
N GLU B 150 -23.48 -13.62 -18.56
CA GLU B 150 -23.39 -13.99 -17.14
C GLU B 150 -22.61 -12.93 -16.38
N ILE B 151 -21.52 -12.47 -16.99
CA ILE B 151 -20.69 -11.39 -16.46
CA ILE B 151 -20.80 -11.35 -16.40
C ILE B 151 -20.85 -10.15 -17.34
N LYS B 152 -21.00 -8.97 -16.75
CA LYS B 152 -21.14 -7.74 -17.52
C LYS B 152 -19.84 -6.94 -17.45
N GLY B 153 -19.55 -6.16 -18.49
CA GLY B 153 -18.40 -5.27 -18.43
C GLY B 153 -17.06 -5.99 -18.35
N PHE B 154 -16.92 -7.02 -19.17
CA PHE B 154 -15.67 -7.76 -19.24
C PHE B 154 -14.74 -7.16 -20.28
N THR B 155 -13.52 -6.85 -19.85
CA THR B 155 -12.52 -6.21 -20.70
C THR B 155 -12.36 -6.90 -22.05
N GLY B 156 -12.47 -6.12 -23.12
CA GLY B 156 -12.26 -6.66 -24.46
C GLY B 156 -13.50 -7.19 -25.13
N ILE B 157 -14.55 -7.43 -24.35
CA ILE B 157 -15.82 -7.94 -24.90
C ILE B 157 -16.90 -6.86 -24.81
N ASP B 158 -17.15 -6.35 -23.61
CA ASP B 158 -18.06 -5.21 -23.49
C ASP B 158 -17.56 -4.18 -22.48
N ASP B 159 -16.24 -3.97 -22.48
CA ASP B 159 -15.59 -2.98 -21.63
C ASP B 159 -14.27 -2.68 -22.32
N PRO B 160 -13.75 -1.45 -22.17
CA PRO B 160 -12.62 -1.04 -22.99
C PRO B 160 -11.30 -1.75 -22.66
N TYR B 161 -10.45 -1.92 -23.67
CA TYR B 161 -9.03 -2.08 -23.39
C TYR B 161 -8.31 -1.13 -24.32
N GLU B 162 -7.55 -0.22 -23.74
CA GLU B 162 -6.83 0.78 -24.52
C GLU B 162 -5.35 0.41 -24.56
N PRO B 163 -4.89 -0.11 -25.71
CA PRO B 163 -3.52 -0.64 -25.76
C PRO B 163 -2.48 0.47 -25.68
N PRO B 164 -1.37 0.21 -24.99
CA PRO B 164 -0.26 1.16 -24.95
C PRO B 164 0.17 1.55 -26.36
N THR B 165 0.41 2.84 -26.59
CA THR B 165 0.87 3.27 -27.90
C THR B 165 2.38 3.41 -27.93
N ASN B 166 2.98 3.57 -26.75
CA ASN B 166 4.43 3.69 -26.65
C ASN B 166 4.98 2.97 -25.43
N PRO B 167 4.74 1.65 -25.32
CA PRO B 167 5.23 0.95 -24.13
C PRO B 167 6.74 0.84 -24.20
N ASP B 168 7.38 0.62 -23.06
CA ASP B 168 8.83 0.49 -23.05
C ASP B 168 9.27 -0.88 -23.55
N VAL B 169 8.42 -1.89 -23.31
CA VAL B 169 8.66 -3.23 -23.82
C VAL B 169 7.30 -3.78 -24.26
N GLU B 170 7.29 -4.51 -25.37
CA GLU B 170 6.07 -5.20 -25.80
C GLU B 170 6.35 -6.69 -25.93
N CYS B 171 5.46 -7.50 -25.39
CA CYS B 171 5.60 -8.95 -25.45
C CYS B 171 4.40 -9.52 -26.19
N ARG B 172 4.62 -9.98 -27.42
CA ARG B 172 3.54 -10.56 -28.21
C ARG B 172 3.50 -12.06 -27.90
N THR B 173 2.76 -12.41 -26.86
CA THR B 173 2.89 -13.74 -26.25
C THR B 173 2.43 -14.89 -27.13
N ASP B 174 1.67 -14.59 -28.18
CA ASP B 174 1.26 -15.61 -29.14
CA ASP B 174 1.26 -15.62 -29.13
C ASP B 174 2.35 -15.90 -30.17
N LEU B 175 3.38 -15.03 -30.19
CA LEU B 175 4.42 -15.12 -31.23
C LEU B 175 5.84 -15.23 -30.68
N GLU B 176 5.99 -15.18 -29.37
CA GLU B 176 7.31 -15.32 -28.78
C GLU B 176 7.30 -16.27 -27.59
N GLU B 177 8.40 -16.97 -27.37
CA GLU B 177 8.50 -17.88 -26.24
C GLU B 177 8.65 -17.11 -24.94
N LEU B 178 8.30 -17.76 -23.82
CA LEU B 178 8.33 -17.10 -22.51
C LEU B 178 9.70 -16.48 -22.21
N ASP B 179 10.76 -17.23 -22.45
CA ASP B 179 12.11 -16.75 -22.20
C ASP B 179 12.44 -15.50 -23.03
N GLU B 180 11.88 -15.43 -24.23
CA GLU B 180 12.09 -14.26 -25.07
C GLU B 180 11.38 -13.04 -24.46
N SER B 181 10.16 -13.24 -23.97
CA SER B 181 9.42 -12.13 -23.37
C SER B 181 10.13 -11.63 -22.11
N VAL B 182 10.47 -12.55 -21.21
CA VAL B 182 11.22 -12.18 -20.00
C VAL B 182 12.55 -11.53 -20.38
N GLY B 183 13.23 -12.11 -21.37
CA GLY B 183 14.51 -11.60 -21.81
C GLY B 183 14.48 -10.13 -22.23
N LYS B 184 13.41 -9.73 -22.91
CA LYS B 184 13.28 -8.34 -23.36
C LYS B 184 13.10 -7.38 -22.20
N ILE B 185 12.33 -7.80 -21.19
CA ILE B 185 12.13 -6.96 -20.01
C ILE B 185 13.46 -6.83 -19.28
N TRP B 186 14.13 -7.95 -19.07
CA TRP B 186 15.43 -7.98 -18.40
C TRP B 186 16.41 -7.06 -19.10
N GLN B 187 16.47 -7.14 -20.42
CA GLN B 187 17.43 -6.35 -21.18
C GLN B 187 17.13 -4.86 -21.07
N LYS B 188 15.85 -4.51 -21.02
CA LYS B 188 15.45 -3.13 -20.87
C LYS B 188 15.88 -2.61 -19.50
N LEU B 189 15.72 -3.44 -18.47
CA LEU B 189 16.19 -3.10 -17.13
C LEU B 189 17.71 -2.89 -17.10
N VAL B 190 18.43 -3.70 -17.87
CA VAL B 190 19.88 -3.53 -17.96
C VAL B 190 20.24 -2.25 -18.70
N ASP B 191 19.61 -2.03 -19.85
CA ASP B 191 19.92 -0.86 -20.67
C ASP B 191 19.73 0.43 -19.89
N LEU B 192 18.64 0.49 -19.13
CA LEU B 192 18.31 1.67 -18.34
C LEU B 192 18.98 1.65 -16.98
N LYS B 193 19.86 0.67 -16.77
CA LYS B 193 20.69 0.58 -15.56
C LYS B 193 19.92 0.47 -14.24
N TYR B 194 18.78 -0.20 -14.27
CA TYR B 194 18.06 -0.52 -13.04
C TYR B 194 18.66 -1.77 -12.37
N ILE B 195 19.22 -2.65 -13.19
CA ILE B 195 19.92 -3.83 -12.68
C ILE B 195 21.25 -3.99 -13.40
N GLU B 196 22.11 -4.87 -12.91
CA GLU B 196 23.45 -5.05 -13.47
C GLU B 196 23.47 -5.88 -14.75
N GLY B 197 24.26 -5.43 -15.72
CA GLY B 197 24.43 -6.16 -16.96
C GLY B 197 25.34 -7.36 -16.76
#